data_2PX8
#
_entry.id   2PX8
#
_cell.length_a   67.579
_cell.length_b   87.445
_cell.length_c   100.914
_cell.angle_alpha   90.00
_cell.angle_beta   90.00
_cell.angle_gamma   90.00
#
_symmetry.space_group_name_H-M   'P 21 21 21'
#
loop_
_entity.id
_entity.type
_entity.pdbx_description
1 polymer 'Genome polyprotein [Contains: Capsid protein C (Core protein); Envelope protein M (Matrix protein); Major envelope protein E; Non-structural protein 1 (NS1); Non-structural protein 2A (NS2A); Flavivirin protease NS2B regulatory subunit; Flavivirin protease NS3 catalytic subunit; Non-structural protein 4A (NS4A); Non-structural protein 4B (NS4B); RNA-directed RNA polymerase (EC 2.7.7.48) (NS5)]'
2 non-polymer "7N-METHYL-8-HYDROGUANOSINE-5'-TRIPHOSPHATE"
3 non-polymer TRIPHOSPHATE
4 non-polymer S-ADENOSYL-L-HOMOCYSTEINE
5 non-polymer GLYCEROL
6 non-polymer 'CHLORIDE ION'
7 water water
#
_entity_poly.entity_id   1
_entity_poly.type   'polypeptide(L)'
_entity_poly.pdbx_seq_one_letter_code
;GRAGGRTLGEQWKE(MLY)LNAMGKEEFFSYRKEAILEVDRTEARRARREGNKVGGHPVSRGTAKLRWLVERRFVQPIG
(MLY)VVDLGCGRGGWSYYAATM(MLY)NVQEVRGYT(MLY)GGPGHEEPMLMQSYGWNIVTMKSGVDVFYKPSEISDTL
LCDIGESSPSAEIEEQRTLRILEMVSDWLSRGPKEFCIKILCPYMPKVIEKLESLQRRFGGGLVRVPLSRNSNHEMYWVS
GASGNIVHAVNMTSQVLIGRMDKKIWKGPKYEEDVNLGSGTRAVGK
;
_entity_poly.pdbx_strand_id   A,B
#
loop_
_chem_comp.id
_chem_comp.type
_chem_comp.name
_chem_comp.formula
3PO non-polymer TRIPHOSPHATE 'H5 O10 P3'
CL non-polymer 'CHLORIDE ION' 'Cl -1'
GOL non-polymer GLYCEROL 'C3 H8 O3'
MGT non-polymer 7N-METHYL-8-HYDROGUANOSINE-5'-TRIPHOSPHATE 'C11 H20 N5 O14 P3'
#
# COMPACT_ATOMS: atom_id res chain seq x y z
N GLY A 4 -10.45 6.51 -2.29
CA GLY A 4 -9.18 6.14 -2.97
C GLY A 4 -8.06 5.90 -1.96
N GLY A 5 -6.95 5.32 -2.42
CA GLY A 5 -5.81 5.00 -1.56
C GLY A 5 -6.00 3.77 -0.70
N ARG A 6 -5.01 3.46 0.13
CA ARG A 6 -5.06 2.32 1.04
C ARG A 6 -6.14 2.47 2.12
N THR A 7 -6.78 1.34 2.45
CA THR A 7 -7.81 1.29 3.47
C THR A 7 -7.17 1.17 4.85
N LEU A 8 -7.94 1.45 5.90
CA LEU A 8 -7.43 1.34 7.27
C LEU A 8 -6.99 -0.08 7.61
N GLY A 9 -7.80 -1.06 7.22
CA GLY A 9 -7.48 -2.47 7.43
C GLY A 9 -6.14 -2.86 6.83
N GLU A 10 -5.81 -2.26 5.68
CA GLU A 10 -4.54 -2.54 4.99
C GLU A 10 -3.35 -2.03 5.79
N GLN A 11 -3.52 -0.90 6.48
CA GLN A 11 -2.49 -0.38 7.35
C GLN A 11 -2.33 -1.27 8.57
N TRP A 12 -3.44 -1.80 9.06
CA TRP A 12 -3.43 -2.73 10.19
C TRP A 12 -2.59 -3.97 9.86
N LYS A 13 -2.88 -4.58 8.71
CA LYS A 13 -2.19 -5.79 8.24
C LYS A 13 -0.69 -5.55 8.05
N GLU A 14 -0.33 -4.39 7.50
CA GLU A 14 1.07 -4.01 7.34
C GLU A 14 1.78 -3.86 8.68
N MLY A 15 1.14 -3.17 9.62
CA MLY A 15 1.69 -2.99 10.95
CB MLY A 15 0.75 -2.11 11.76
CG MLY A 15 0.98 -0.61 11.53
CD MLY A 15 -0.13 0.20 12.19
CE MLY A 15 -0.03 1.67 11.78
NZ MLY A 15 0.27 2.53 12.95
CH1 MLY A 15 1.72 2.58 13.21
CH2 MLY A 15 -0.20 3.90 12.71
C MLY A 15 1.88 -4.31 11.66
O MLY A 15 2.91 -4.56 12.28
N LEU A 16 0.86 -5.17 11.56
CA LEU A 16 0.89 -6.53 12.11
C LEU A 16 2.10 -7.28 11.58
N ASN A 17 2.25 -7.30 10.26
CA ASN A 17 3.36 -7.98 9.59
C ASN A 17 4.71 -7.39 9.95
N ALA A 18 4.71 -6.16 10.47
CA ALA A 18 5.94 -5.47 10.86
C ALA A 18 6.35 -5.72 12.31
N MET A 19 5.47 -6.33 13.09
CA MET A 19 5.75 -6.62 14.50
C MET A 19 6.82 -7.70 14.67
N GLY A 20 7.58 -7.61 15.76
CA GLY A 20 8.51 -8.66 16.15
C GLY A 20 7.80 -9.85 16.77
N LYS A 21 8.50 -10.95 16.91
CA LYS A 21 7.94 -12.20 17.46
C LYS A 21 7.25 -11.99 18.81
N GLU A 22 7.97 -11.39 19.75
CA GLU A 22 7.46 -11.12 21.11
C GLU A 22 6.19 -10.26 21.07
N GLU A 23 6.26 -9.11 20.42
CA GLU A 23 5.14 -8.18 20.31
C GLU A 23 3.93 -8.85 19.69
N PHE A 24 4.15 -9.63 18.64
CA PHE A 24 3.07 -10.27 17.90
C PHE A 24 2.17 -11.14 18.78
N PHE A 25 2.77 -12.01 19.57
CA PHE A 25 2.03 -12.98 20.39
C PHE A 25 1.33 -12.35 21.58
N SER A 26 1.89 -11.26 22.10
CA SER A 26 1.20 -10.47 23.12
C SER A 26 0.03 -9.71 22.50
N TYR A 27 0.27 -9.09 21.33
CA TYR A 27 -0.77 -8.37 20.60
C TYR A 27 -1.96 -9.26 20.25
N ARG A 28 -1.65 -10.43 19.66
CA ARG A 28 -2.62 -11.43 19.20
C ARG A 28 -3.87 -11.59 20.09
N LYS A 29 -3.64 -11.58 21.40
CA LYS A 29 -4.66 -11.88 22.40
C LYS A 29 -5.05 -10.68 23.29
N GLU A 30 -4.55 -9.49 22.94
CA GLU A 30 -4.73 -8.31 23.79
C GLU A 30 -6.17 -7.80 23.83
N ALA A 31 -6.76 -7.85 25.03
CA ALA A 31 -8.12 -7.36 25.28
C ALA A 31 -9.21 -8.07 24.48
N ILE A 32 -8.91 -9.28 23.99
CA ILE A 32 -9.90 -10.09 23.29
C ILE A 32 -10.75 -10.88 24.28
N LEU A 33 -11.90 -11.35 23.83
CA LEU A 33 -12.67 -12.28 24.63
C LEU A 33 -12.15 -13.68 24.36
N GLU A 34 -11.90 -14.43 25.43
CA GLU A 34 -11.48 -15.82 25.28
C GLU A 34 -12.23 -16.75 26.25
N VAL A 35 -12.67 -17.89 25.74
CA VAL A 35 -13.32 -18.89 26.57
C VAL A 35 -12.29 -19.84 27.15
N ASP A 36 -12.43 -20.15 28.43
CA ASP A 36 -11.58 -21.13 29.10
C ASP A 36 -11.90 -22.55 28.62
N ARG A 37 -10.97 -23.14 27.87
CA ARG A 37 -11.15 -24.44 27.24
C ARG A 37 -10.56 -25.59 28.03
N THR A 38 -10.11 -25.30 29.26
CA THR A 38 -9.46 -26.27 30.14
C THR A 38 -10.30 -27.54 30.33
N GLU A 39 -11.56 -27.37 30.74
CA GLU A 39 -12.45 -28.50 30.99
C GLU A 39 -12.73 -29.30 29.72
N ALA A 40 -12.92 -28.61 28.60
CA ALA A 40 -13.24 -29.26 27.32
C ALA A 40 -12.06 -30.07 26.78
N ARG A 41 -10.85 -29.58 27.04
CA ARG A 41 -9.64 -30.28 26.61
C ARG A 41 -9.42 -31.58 27.38
N ARG A 42 -9.71 -31.55 28.68
CA ARG A 42 -9.63 -32.78 29.48
C ARG A 42 -10.77 -33.75 29.14
N ALA A 43 -11.92 -33.21 28.75
CA ALA A 43 -13.05 -34.02 28.30
C ALA A 43 -12.72 -34.75 27.00
N ARG A 44 -12.13 -34.01 26.06
CA ARG A 44 -11.72 -34.53 24.75
C ARG A 44 -10.81 -35.76 24.89
N ARG A 45 -9.81 -35.69 25.76
CA ARG A 45 -8.86 -36.78 25.94
C ARG A 45 -9.41 -37.94 26.78
N GLU A 46 -10.43 -37.67 27.59
CA GLU A 46 -11.14 -38.71 28.33
C GLU A 46 -12.26 -39.36 27.50
N GLY A 47 -12.47 -38.85 26.28
CA GLY A 47 -13.53 -39.32 25.40
C GLY A 47 -14.93 -39.03 25.92
N ASN A 48 -15.04 -37.96 26.70
CA ASN A 48 -16.32 -37.56 27.30
C ASN A 48 -17.18 -36.86 26.28
N LYS A 49 -18.28 -37.51 25.92
CA LYS A 49 -19.18 -37.02 24.86
C LYS A 49 -20.46 -36.43 25.43
N VAL A 50 -20.64 -36.56 26.75
CA VAL A 50 -21.93 -36.29 27.39
C VAL A 50 -21.89 -35.12 28.40
N GLY A 51 -20.72 -34.48 28.53
CA GLY A 51 -20.52 -33.41 29.52
C GLY A 51 -20.96 -32.02 29.07
N GLY A 52 -21.31 -31.87 27.80
CA GLY A 52 -21.72 -30.57 27.26
C GLY A 52 -20.57 -29.73 26.70
N HIS A 53 -19.37 -30.31 26.68
CA HIS A 53 -18.18 -29.58 26.22
C HIS A 53 -18.14 -29.46 24.72
N PRO A 54 -18.10 -28.21 24.19
CA PRO A 54 -17.99 -28.00 22.74
C PRO A 54 -16.74 -28.64 22.18
N VAL A 55 -16.80 -29.06 20.92
CA VAL A 55 -15.67 -29.70 20.26
C VAL A 55 -14.55 -28.71 19.91
N SER A 56 -14.91 -27.44 19.82
CA SER A 56 -13.98 -26.37 19.46
C SER A 56 -14.36 -25.02 20.06
N ARG A 57 -13.50 -24.02 19.85
CA ARG A 57 -13.75 -22.63 20.24
C ARG A 57 -14.81 -21.97 19.37
N GLY A 58 -15.09 -22.56 18.22
CA GLY A 58 -16.10 -22.04 17.30
C GLY A 58 -17.49 -21.99 17.89
N THR A 59 -17.78 -22.89 18.82
CA THR A 59 -19.09 -22.92 19.50
C THR A 59 -19.35 -21.58 20.21
N ALA A 60 -18.37 -21.11 20.97
CA ALA A 60 -18.47 -19.82 21.65
C ALA A 60 -18.66 -18.64 20.68
N LYS A 61 -18.06 -18.71 19.50
CA LYS A 61 -18.20 -17.67 18.48
C LYS A 61 -19.62 -17.59 17.96
N LEU A 62 -20.16 -18.73 17.56
CA LEU A 62 -21.55 -18.81 17.13
C LEU A 62 -22.51 -18.41 18.26
N ARG A 63 -22.24 -18.89 19.48
CA ARG A 63 -23.03 -18.50 20.66
C ARG A 63 -23.11 -16.99 20.82
N TRP A 64 -21.98 -16.30 20.68
CA TRP A 64 -21.92 -14.84 20.77
C TRP A 64 -22.93 -14.18 19.82
N LEU A 65 -22.96 -14.67 18.58
CA LEU A 65 -23.81 -14.10 17.54
C LEU A 65 -25.30 -14.39 17.76
N VAL A 66 -25.60 -15.65 18.10
CA VAL A 66 -26.98 -16.08 18.29
C VAL A 66 -27.62 -15.39 19.50
N GLU A 67 -26.89 -15.29 20.61
CA GLU A 67 -27.38 -14.65 21.83
C GLU A 67 -27.66 -13.16 21.63
N ARG A 68 -27.04 -12.59 20.60
CA ARG A 68 -27.27 -11.20 20.24
C ARG A 68 -28.23 -11.05 19.06
N ARG A 69 -28.83 -12.18 18.67
CA ARG A 69 -29.84 -12.23 17.59
C ARG A 69 -29.30 -11.84 16.21
N PHE A 70 -27.99 -11.99 16.02
CA PHE A 70 -27.37 -11.67 14.73
C PHE A 70 -27.68 -12.75 13.69
N VAL A 71 -28.01 -13.94 14.19
CA VAL A 71 -28.55 -15.02 13.37
C VAL A 71 -29.41 -15.89 14.29
N GLN A 72 -30.51 -16.41 13.75
CA GLN A 72 -31.42 -17.25 14.50
C GLN A 72 -31.71 -18.53 13.71
N PRO A 73 -30.85 -19.55 13.89
CA PRO A 73 -30.93 -20.77 13.08
C PRO A 73 -32.30 -21.42 13.16
N ILE A 74 -32.75 -21.98 12.03
CA ILE A 74 -34.08 -22.56 11.90
C ILE A 74 -34.12 -23.61 10.79
N GLY A 75 -34.97 -24.61 10.96
CA GLY A 75 -35.24 -25.59 9.92
C GLY A 75 -34.04 -26.45 9.57
N MLY A 76 -33.76 -26.55 8.28
CA MLY A 76 -32.59 -27.27 7.81
CB MLY A 76 -32.80 -27.88 6.43
CG MLY A 76 -31.55 -28.64 5.98
CD MLY A 76 -31.64 -29.10 4.53
CE MLY A 76 -30.47 -30.01 4.19
NZ MLY A 76 -30.74 -30.76 2.94
CH1 MLY A 76 -29.49 -30.93 2.20
CH2 MLY A 76 -31.28 -32.09 3.26
C MLY A 76 -31.41 -26.34 7.85
O MLY A 76 -31.39 -25.32 7.15
N VAL A 77 -30.44 -26.67 8.68
CA VAL A 77 -29.21 -25.89 8.78
C VAL A 77 -28.11 -26.58 7.97
N VAL A 78 -27.45 -25.84 7.09
CA VAL A 78 -26.26 -26.34 6.40
C VAL A 78 -25.03 -25.60 6.93
N ASP A 79 -24.04 -26.37 7.38
CA ASP A 79 -22.81 -25.82 7.95
C ASP A 79 -21.62 -26.15 7.05
N LEU A 80 -21.16 -25.15 6.30
CA LEU A 80 -20.04 -25.33 5.38
C LEU A 80 -18.70 -25.17 6.10
N GLY A 81 -17.81 -26.14 5.93
CA GLY A 81 -16.54 -26.19 6.63
C GLY A 81 -16.78 -26.40 8.12
N CYS A 82 -17.43 -27.51 8.46
CA CYS A 82 -17.89 -27.75 9.82
C CYS A 82 -16.78 -28.15 10.79
N GLY A 83 -15.65 -28.62 10.26
CA GLY A 83 -14.55 -29.10 11.09
C GLY A 83 -15.01 -30.22 12.01
N ARG A 84 -14.61 -30.14 13.28
CA ARG A 84 -15.04 -31.11 14.30
C ARG A 84 -16.54 -31.06 14.57
N GLY A 85 -17.15 -29.89 14.32
CA GLY A 85 -18.60 -29.72 14.41
C GLY A 85 -19.12 -28.72 15.43
N GLY A 86 -18.25 -27.81 15.90
CA GLY A 86 -18.62 -26.80 16.88
C GLY A 86 -19.89 -26.03 16.57
N TRP A 87 -20.04 -25.61 15.31
CA TRP A 87 -21.22 -24.87 14.86
C TRP A 87 -22.40 -25.80 14.65
N SER A 88 -22.12 -26.99 14.11
CA SER A 88 -23.15 -27.98 13.82
C SER A 88 -23.85 -28.42 15.10
N TYR A 89 -23.06 -28.72 16.14
CA TYR A 89 -23.64 -29.20 17.38
C TYR A 89 -24.39 -28.09 18.09
N TYR A 90 -23.83 -26.88 18.08
CA TYR A 90 -24.49 -25.75 18.72
C TYR A 90 -25.87 -25.50 18.11
N ALA A 91 -25.95 -25.51 16.79
CA ALA A 91 -27.20 -25.31 16.07
C ALA A 91 -28.23 -26.39 16.40
N ALA A 92 -27.77 -27.62 16.61
CA ALA A 92 -28.65 -28.74 16.98
C ALA A 92 -29.31 -28.57 18.35
N THR A 93 -28.91 -27.54 19.09
CA THR A 93 -29.53 -27.23 20.39
C THR A 93 -30.56 -26.09 20.29
N MET A 94 -30.68 -25.48 19.11
CA MET A 94 -31.62 -24.37 18.88
C MET A 94 -33.06 -24.86 18.76
N MLY A 95 -33.98 -24.07 19.29
CA MLY A 95 -35.38 -24.48 19.42
CB MLY A 95 -36.16 -23.52 20.34
CG MLY A 95 -36.65 -22.25 19.67
CD MLY A 95 -37.32 -21.32 20.67
CE MLY A 95 -38.23 -20.30 19.98
NZ MLY A 95 -37.81 -18.89 20.17
CH1 MLY A 95 -39.01 -18.07 20.41
CH2 MLY A 95 -36.86 -18.68 21.27
C MLY A 95 -36.11 -24.79 18.14
O MLY A 95 -36.96 -25.67 18.12
N ASN A 96 -35.80 -24.07 17.07
CA ASN A 96 -36.53 -24.25 15.80
C ASN A 96 -35.74 -24.94 14.70
N VAL A 97 -34.62 -25.55 15.09
CA VAL A 97 -33.79 -26.30 14.15
C VAL A 97 -34.29 -27.74 14.07
N GLN A 98 -34.44 -28.23 12.84
CA GLN A 98 -34.98 -29.56 12.60
C GLN A 98 -33.91 -30.53 12.14
N GLU A 99 -32.96 -30.02 11.37
CA GLU A 99 -31.91 -30.83 10.78
C GLU A 99 -30.63 -30.02 10.63
N VAL A 100 -29.49 -30.65 10.90
CA VAL A 100 -28.18 -30.03 10.67
C VAL A 100 -27.35 -30.88 9.72
N ARG A 101 -26.93 -30.27 8.61
CA ARG A 101 -26.05 -30.93 7.67
C ARG A 101 -24.71 -30.21 7.57
N GLY A 102 -23.66 -30.89 7.97
CA GLY A 102 -22.31 -30.33 7.91
C GLY A 102 -21.47 -30.95 6.82
N TYR A 103 -20.66 -30.12 6.18
CA TYR A 103 -19.72 -30.59 5.17
C TYR A 103 -18.35 -30.04 5.50
N THR A 104 -17.35 -30.92 5.51
CA THR A 104 -15.97 -30.50 5.75
C THR A 104 -15.00 -31.38 4.95
N MLY A 105 -13.81 -30.86 4.69
CA MLY A 105 -12.84 -31.58 3.85
CB MLY A 105 -11.84 -30.64 3.18
CG MLY A 105 -10.96 -29.83 4.13
CD MLY A 105 -10.04 -28.89 3.35
CE MLY A 105 -8.68 -29.50 3.06
NZ MLY A 105 -8.04 -28.87 1.88
CH1 MLY A 105 -7.69 -27.46 2.16
CH2 MLY A 105 -6.81 -29.61 1.55
C MLY A 105 -12.16 -32.70 4.59
O MLY A 105 -11.92 -33.77 4.03
N GLY A 106 -11.85 -32.47 5.87
CA GLY A 106 -11.09 -33.44 6.67
C GLY A 106 -9.77 -33.81 6.03
N GLY A 107 -9.34 -35.03 6.26
CA GLY A 107 -8.07 -35.52 5.71
C GLY A 107 -6.87 -34.97 6.47
N PRO A 108 -5.66 -35.39 6.06
CA PRO A 108 -4.43 -35.00 6.75
C PRO A 108 -4.33 -33.49 6.94
N GLY A 109 -3.98 -33.08 8.16
CA GLY A 109 -3.78 -31.67 8.49
C GLY A 109 -5.06 -30.92 8.78
N HIS A 110 -6.21 -31.55 8.54
CA HIS A 110 -7.49 -30.90 8.76
C HIS A 110 -8.40 -31.68 9.70
N GLU A 111 -9.33 -30.95 10.31
CA GLU A 111 -10.21 -31.49 11.34
C GLU A 111 -11.26 -32.45 10.75
N GLU A 112 -11.33 -33.64 11.35
CA GLU A 112 -12.42 -34.57 11.07
C GLU A 112 -13.59 -34.27 12.00
N PRO A 113 -14.84 -34.45 11.53
CA PRO A 113 -16.02 -34.26 12.39
C PRO A 113 -15.97 -35.19 13.60
N MET A 114 -16.29 -34.66 14.78
CA MET A 114 -16.30 -35.46 15.99
C MET A 114 -17.70 -35.93 16.29
N LEU A 115 -17.82 -37.17 16.74
CA LEU A 115 -19.11 -37.75 17.10
C LEU A 115 -19.39 -37.47 18.58
N MET A 116 -20.37 -36.59 18.83
CA MET A 116 -20.70 -36.15 20.19
C MET A 116 -22.13 -36.46 20.57
N GLN A 117 -22.41 -36.42 21.88
CA GLN A 117 -23.75 -36.64 22.40
C GLN A 117 -24.30 -35.41 23.11
N SER A 118 -23.92 -34.24 22.61
CA SER A 118 -24.52 -32.98 23.01
C SER A 118 -25.99 -32.98 22.59
N TYR A 119 -26.82 -32.19 23.26
CA TYR A 119 -28.25 -32.17 22.99
C TYR A 119 -28.57 -32.00 21.50
N GLY A 120 -29.41 -32.89 21.00
CA GLY A 120 -29.85 -32.85 19.60
C GLY A 120 -28.87 -33.43 18.62
N TRP A 121 -27.86 -34.15 19.13
CA TRP A 121 -26.83 -34.78 18.30
C TRP A 121 -27.38 -35.68 17.21
N ASN A 122 -28.56 -36.25 17.46
CA ASN A 122 -29.19 -37.20 16.55
C ASN A 122 -29.73 -36.58 15.25
N ILE A 123 -29.78 -35.25 15.20
CA ILE A 123 -30.24 -34.55 13.99
C ILE A 123 -29.07 -33.96 13.19
N VAL A 124 -27.86 -34.22 13.69
CA VAL A 124 -26.63 -33.75 13.05
C VAL A 124 -26.06 -34.82 12.13
N THR A 125 -25.75 -34.43 10.89
CA THR A 125 -25.07 -35.30 9.95
C THR A 125 -23.94 -34.51 9.31
N MET A 126 -22.71 -34.89 9.64
CA MET A 126 -21.53 -34.25 9.09
C MET A 126 -20.82 -35.21 8.15
N LYS A 127 -20.56 -34.76 6.94
CA LYS A 127 -19.85 -35.55 5.96
C LYS A 127 -18.48 -34.95 5.70
N SER A 128 -17.44 -35.76 5.92
CA SER A 128 -16.08 -35.35 5.65
C SER A 128 -15.69 -35.70 4.21
N GLY A 129 -14.47 -35.32 3.81
CA GLY A 129 -13.98 -35.62 2.47
C GLY A 129 -14.66 -34.78 1.41
N VAL A 130 -15.32 -33.70 1.85
CA VAL A 130 -16.08 -32.84 0.96
C VAL A 130 -15.40 -31.48 0.83
N ASP A 131 -14.99 -31.15 -0.40
CA ASP A 131 -14.51 -29.82 -0.75
C ASP A 131 -15.74 -29.03 -1.20
N VAL A 132 -16.14 -28.05 -0.39
CA VAL A 132 -17.40 -27.31 -0.62
C VAL A 132 -17.42 -26.47 -1.89
N PHE A 133 -16.26 -26.18 -2.46
CA PHE A 133 -16.18 -25.41 -3.70
C PHE A 133 -16.63 -26.24 -4.91
N TYR A 134 -16.65 -27.55 -4.74
CA TYR A 134 -17.11 -28.46 -5.79
C TYR A 134 -18.40 -29.20 -5.40
N LYS A 135 -18.98 -28.83 -4.26
CA LYS A 135 -20.26 -29.38 -3.81
C LYS A 135 -21.41 -28.54 -4.36
N PRO A 136 -22.29 -29.17 -5.18
CA PRO A 136 -23.46 -28.46 -5.67
C PRO A 136 -24.36 -28.02 -4.53
N SER A 137 -24.85 -26.79 -4.60
CA SER A 137 -25.70 -26.21 -3.57
C SER A 137 -26.96 -27.05 -3.33
N GLU A 138 -27.50 -26.92 -2.13
CA GLU A 138 -28.72 -27.60 -1.75
C GLU A 138 -29.59 -26.57 -1.03
N ILE A 139 -30.88 -26.86 -0.91
CA ILE A 139 -31.79 -26.01 -0.14
C ILE A 139 -31.44 -26.06 1.36
N SER A 140 -31.42 -24.90 2.00
CA SER A 140 -31.34 -24.80 3.45
C SER A 140 -32.27 -23.68 3.91
N ASP A 141 -32.55 -23.66 5.21
CA ASP A 141 -33.26 -22.54 5.81
C ASP A 141 -32.24 -21.65 6.51
N THR A 142 -31.17 -22.28 7.00
CA THR A 142 -30.05 -21.57 7.59
C THR A 142 -28.75 -21.99 6.90
N LEU A 143 -27.98 -21.01 6.44
CA LEU A 143 -26.66 -21.31 5.88
C LEU A 143 -25.54 -20.73 6.74
N LEU A 144 -24.70 -21.63 7.24
CA LEU A 144 -23.52 -21.26 8.01
C LEU A 144 -22.29 -21.61 7.20
N CYS A 145 -21.24 -20.78 7.33
CA CYS A 145 -19.99 -21.02 6.62
C CYS A 145 -18.89 -20.40 7.41
N ASP A 146 -17.89 -21.20 7.75
CA ASP A 146 -16.84 -20.75 8.65
C ASP A 146 -15.47 -21.04 8.06
N ILE A 147 -15.36 -20.85 6.74
CA ILE A 147 -14.12 -21.09 6.01
C ILE A 147 -13.37 -19.79 5.74
N GLY A 148 -12.04 -19.87 5.83
CA GLY A 148 -11.17 -18.72 5.60
C GLY A 148 -9.80 -19.01 6.18
N GLU A 149 -8.84 -19.27 5.31
CA GLU A 149 -7.47 -19.58 5.70
C GLU A 149 -6.61 -18.32 5.59
N SER A 150 -5.95 -17.95 6.69
CA SER A 150 -5.18 -16.71 6.73
C SER A 150 -3.93 -16.77 5.88
N SER A 151 -3.45 -15.60 5.46
CA SER A 151 -2.20 -15.46 4.73
C SER A 151 -1.60 -14.12 5.12
N PRO A 152 -0.25 -14.06 5.23
CA PRO A 152 0.39 -12.75 5.47
C PRO A 152 0.09 -11.73 4.37
N SER A 153 -0.34 -12.22 3.21
CA SER A 153 -0.71 -11.40 2.07
C SER A 153 -2.20 -11.05 2.07
N ALA A 154 -2.49 -9.75 2.08
CA ALA A 154 -3.87 -9.27 1.99
C ALA A 154 -4.47 -9.56 0.61
N GLU A 155 -3.62 -9.61 -0.41
CA GLU A 155 -4.06 -9.95 -1.77
C GLU A 155 -4.52 -11.40 -1.88
N ILE A 156 -3.75 -12.31 -1.28
CA ILE A 156 -4.11 -13.73 -1.24
C ILE A 156 -5.40 -13.94 -0.44
N GLU A 157 -5.48 -13.30 0.73
CA GLU A 157 -6.70 -13.32 1.55
C GLU A 157 -7.92 -12.71 0.85
N GLU A 158 -7.70 -11.67 0.05
CA GLU A 158 -8.77 -11.06 -0.74
C GLU A 158 -9.35 -12.08 -1.71
N GLN A 159 -8.48 -12.74 -2.46
CA GLN A 159 -8.90 -13.73 -3.43
C GLN A 159 -9.62 -14.91 -2.77
N ARG A 160 -9.07 -15.38 -1.65
CA ARG A 160 -9.69 -16.47 -0.87
C ARG A 160 -11.07 -16.08 -0.38
N THR A 161 -11.21 -14.85 0.10
CA THR A 161 -12.51 -14.33 0.51
C THR A 161 -13.49 -14.25 -0.66
N LEU A 162 -13.01 -13.78 -1.81
CA LEU A 162 -13.86 -13.61 -2.99
C LEU A 162 -14.35 -14.95 -3.53
N ARG A 163 -13.51 -15.98 -3.40
CA ARG A 163 -13.86 -17.33 -3.82
C ARG A 163 -14.95 -17.91 -2.94
N ILE A 164 -14.88 -17.62 -1.65
CA ILE A 164 -15.90 -18.08 -0.71
C ILE A 164 -17.24 -17.36 -0.94
N LEU A 165 -17.18 -16.06 -1.21
CA LEU A 165 -18.40 -15.27 -1.44
C LEU A 165 -19.15 -15.70 -2.70
N GLU A 166 -18.41 -16.04 -3.75
CA GLU A 166 -19.00 -16.58 -4.98
C GLU A 166 -19.71 -17.90 -4.67
N MET A 167 -19.05 -18.74 -3.88
CA MET A 167 -19.56 -20.04 -3.49
C MET A 167 -20.79 -19.89 -2.60
N VAL A 168 -20.69 -19.02 -1.61
CA VAL A 168 -21.78 -18.75 -0.66
C VAL A 168 -23.02 -18.17 -1.35
N SER A 169 -22.79 -17.28 -2.33
CA SER A 169 -23.87 -16.69 -3.12
C SER A 169 -24.79 -17.73 -3.77
N ASP A 170 -24.18 -18.82 -4.26
CA ASP A 170 -24.92 -19.93 -4.85
C ASP A 170 -25.85 -20.63 -3.84
N TRP A 171 -25.36 -20.83 -2.61
CA TRP A 171 -26.16 -21.44 -1.54
C TRP A 171 -27.25 -20.50 -1.03
N LEU A 172 -26.99 -19.20 -1.06
CA LEU A 172 -27.95 -18.19 -0.59
C LEU A 172 -29.13 -17.97 -1.54
N SER A 173 -28.87 -18.11 -2.84
CA SER A 173 -29.92 -17.99 -3.87
C SER A 173 -30.93 -19.13 -3.74
N ARG A 174 -30.57 -20.11 -2.92
CA ARG A 174 -31.34 -21.32 -2.72
C ARG A 174 -32.45 -21.11 -1.67
N GLY A 175 -32.51 -19.90 -1.11
CA GLY A 175 -33.61 -19.50 -0.24
C GLY A 175 -33.40 -19.21 1.25
N PRO A 176 -32.28 -19.68 1.86
CA PRO A 176 -32.17 -19.52 3.31
C PRO A 176 -32.19 -18.05 3.76
N LYS A 177 -33.08 -17.73 4.68
CA LYS A 177 -33.23 -16.35 5.19
C LYS A 177 -32.35 -16.09 6.42
N GLU A 178 -31.82 -17.14 7.03
CA GLU A 178 -30.87 -17.02 8.13
C GLU A 178 -29.48 -17.42 7.64
N PHE A 179 -28.47 -16.60 7.95
CA PHE A 179 -27.12 -16.92 7.54
C PHE A 179 -26.03 -16.31 8.41
N CYS A 180 -24.88 -16.97 8.42
CA CYS A 180 -23.72 -16.56 9.18
C CYS A 180 -22.48 -17.01 8.40
N ILE A 181 -21.80 -16.04 7.80
CA ILE A 181 -20.68 -16.31 6.88
C ILE A 181 -19.43 -15.58 7.32
N LYS A 182 -18.38 -16.34 7.61
CA LYS A 182 -17.07 -15.79 7.94
C LYS A 182 -16.53 -15.04 6.73
N ILE A 183 -16.19 -13.77 6.95
CA ILE A 183 -15.50 -12.97 5.93
C ILE A 183 -14.05 -12.79 6.39
N LEU A 184 -13.16 -13.60 5.82
CA LEU A 184 -11.75 -13.59 6.18
C LEU A 184 -11.10 -12.20 6.08
N CYS A 185 -11.27 -11.55 4.94
CA CYS A 185 -10.59 -10.28 4.66
C CYS A 185 -11.57 -9.19 4.20
N PRO A 186 -12.33 -8.63 5.15
CA PRO A 186 -13.39 -7.68 4.78
C PRO A 186 -12.93 -6.27 4.42
N TYR A 187 -11.65 -5.94 4.62
CA TYR A 187 -11.16 -4.57 4.45
C TYR A 187 -10.62 -4.23 3.06
N MET A 188 -10.48 -5.25 2.21
CA MET A 188 -9.98 -5.02 0.84
C MET A 188 -11.12 -4.53 -0.06
N PRO A 189 -10.83 -3.51 -0.89
CA PRO A 189 -11.83 -2.85 -1.73
C PRO A 189 -12.69 -3.81 -2.56
N LYS A 190 -12.07 -4.78 -3.23
CA LYS A 190 -12.84 -5.75 -4.02
C LYS A 190 -13.83 -6.53 -3.16
N VAL A 191 -13.41 -6.90 -1.95
CA VAL A 191 -14.28 -7.62 -1.01
C VAL A 191 -15.43 -6.75 -0.54
N ILE A 192 -15.14 -5.48 -0.23
CA ILE A 192 -16.15 -4.49 0.12
C ILE A 192 -17.24 -4.40 -0.95
N GLU A 193 -16.82 -4.21 -2.21
CA GLU A 193 -17.73 -4.10 -3.35
C GLU A 193 -18.65 -5.31 -3.47
N LYS A 194 -18.07 -6.50 -3.37
CA LYS A 194 -18.86 -7.73 -3.42
C LYS A 194 -19.84 -7.81 -2.25
N LEU A 195 -19.36 -7.51 -1.05
CA LEU A 195 -20.21 -7.49 0.15
C LEU A 195 -21.40 -6.54 0.03
N GLU A 196 -21.15 -5.35 -0.51
CA GLU A 196 -22.21 -4.35 -0.72
C GLU A 196 -23.24 -4.84 -1.73
N SER A 197 -22.77 -5.54 -2.75
CA SER A 197 -23.64 -6.20 -3.73
C SER A 197 -24.46 -7.31 -3.08
N LEU A 198 -23.79 -8.15 -2.28
CA LEU A 198 -24.45 -9.28 -1.64
C LEU A 198 -25.43 -8.84 -0.55
N GLN A 199 -25.11 -7.75 0.13
CA GLN A 199 -26.00 -7.13 1.10
C GLN A 199 -27.27 -6.58 0.44
N ARG A 200 -27.12 -5.98 -0.73
CA ARG A 200 -28.26 -5.44 -1.47
C ARG A 200 -29.24 -6.54 -1.90
N ARG A 201 -28.70 -7.70 -2.26
CA ARG A 201 -29.50 -8.85 -2.68
C ARG A 201 -30.02 -9.66 -1.48
N PHE A 202 -29.14 -9.97 -0.53
CA PHE A 202 -29.46 -10.93 0.54
C PHE A 202 -29.66 -10.32 1.93
N GLY A 203 -29.38 -9.02 2.05
CA GLY A 203 -29.51 -8.32 3.33
C GLY A 203 -28.39 -8.66 4.31
N GLY A 204 -28.68 -8.49 5.59
CA GLY A 204 -27.71 -8.74 6.64
C GLY A 204 -26.66 -7.65 6.77
N GLY A 205 -25.65 -7.93 7.58
CA GLY A 205 -24.55 -6.99 7.79
C GLY A 205 -23.33 -7.68 8.36
N LEU A 206 -22.23 -6.92 8.43
CA LEU A 206 -20.99 -7.43 9.00
C LEU A 206 -20.81 -7.09 10.47
N VAL A 207 -20.49 -8.11 11.27
CA VAL A 207 -20.18 -7.93 12.68
C VAL A 207 -18.83 -8.55 13.03
N ARG A 208 -18.09 -7.87 13.89
CA ARG A 208 -16.86 -8.39 14.50
C ARG A 208 -17.20 -9.11 15.80
N VAL A 209 -16.76 -10.35 15.93
CA VAL A 209 -16.90 -11.10 17.18
C VAL A 209 -15.63 -10.90 18.01
N PRO A 210 -15.77 -10.49 19.29
CA PRO A 210 -14.60 -10.10 20.08
C PRO A 210 -13.77 -11.30 20.53
N LEU A 211 -14.29 -12.49 20.27
CA LEU A 211 -13.56 -13.73 20.49
C LEU A 211 -12.46 -13.95 19.47
N SER A 212 -12.48 -13.17 18.39
CA SER A 212 -11.45 -13.29 17.36
C SER A 212 -10.16 -12.66 17.84
N ARG A 213 -9.04 -13.26 17.45
CA ARG A 213 -7.72 -12.72 17.75
C ARG A 213 -7.46 -11.45 16.97
N ASN A 214 -6.65 -10.56 17.54
CA ASN A 214 -6.28 -9.31 16.90
C ASN A 214 -5.40 -9.53 15.66
N SER A 215 -4.90 -10.76 15.50
CA SER A 215 -4.03 -11.10 14.38
C SER A 215 -4.81 -11.46 13.12
N ASN A 216 -6.14 -11.41 13.21
CA ASN A 216 -7.01 -11.54 12.04
C ASN A 216 -8.10 -10.46 12.04
N HIS A 217 -8.60 -10.12 10.86
CA HIS A 217 -9.61 -9.08 10.72
C HIS A 217 -10.96 -9.69 10.35
N GLU A 218 -11.12 -10.98 10.62
CA GLU A 218 -12.33 -11.71 10.24
C GLU A 218 -13.59 -11.06 10.81
N MET A 219 -14.60 -10.94 9.95
CA MET A 219 -15.90 -10.49 10.40
C MET A 219 -16.95 -11.44 9.84
N TYR A 220 -18.14 -11.40 10.44
CA TYR A 220 -19.18 -12.35 10.10
C TYR A 220 -20.32 -11.63 9.44
N TRP A 221 -20.61 -12.01 8.22
CA TRP A 221 -21.77 -11.51 7.49
C TRP A 221 -22.97 -12.30 7.99
N VAL A 222 -23.86 -11.62 8.70
CA VAL A 222 -24.98 -12.27 9.37
C VAL A 222 -26.31 -11.60 9.05
N SER A 223 -27.33 -12.43 8.84
CA SER A 223 -28.67 -11.99 8.43
C SER A 223 -29.35 -11.02 9.41
N GLY A 224 -29.06 -11.15 10.70
CA GLY A 224 -29.67 -10.31 11.71
C GLY A 224 -29.04 -8.93 11.87
N ALA A 225 -27.91 -8.70 11.20
CA ALA A 225 -27.27 -7.40 11.22
C ALA A 225 -27.75 -6.53 10.07
N SER A 226 -27.43 -5.24 10.15
CA SER A 226 -27.76 -4.28 9.11
C SER A 226 -26.79 -3.11 9.26
N GLY A 227 -26.83 -2.20 8.28
CA GLY A 227 -26.02 -1.00 8.35
C GLY A 227 -24.87 -0.96 7.38
N ASN A 228 -24.19 0.18 7.35
CA ASN A 228 -23.11 0.45 6.42
C ASN A 228 -21.91 -0.48 6.64
N ILE A 229 -21.63 -1.30 5.63
CA ILE A 229 -20.53 -2.28 5.68
C ILE A 229 -19.17 -1.61 5.90
N VAL A 230 -18.87 -0.58 5.10
CA VAL A 230 -17.60 0.16 5.20
C VAL A 230 -17.36 0.72 6.63
N HIS A 231 -18.41 1.29 7.22
CA HIS A 231 -18.31 1.85 8.56
C HIS A 231 -18.00 0.77 9.58
N ALA A 232 -18.74 -0.33 9.52
CA ALA A 232 -18.54 -1.49 10.39
C ALA A 232 -17.10 -2.01 10.33
N VAL A 233 -16.55 -2.09 9.11
CA VAL A 233 -15.19 -2.59 8.89
C VAL A 233 -14.15 -1.62 9.43
N ASN A 234 -14.31 -0.33 9.12
CA ASN A 234 -13.37 0.69 9.57
C ASN A 234 -13.27 0.77 11.09
N MET A 235 -14.42 0.63 11.76
CA MET A 235 -14.52 0.61 13.23
C MET A 235 -13.68 -0.50 13.84
N THR A 236 -13.75 -1.68 13.23
CA THR A 236 -12.96 -2.83 13.63
C THR A 236 -11.47 -2.58 13.35
N SER A 237 -11.16 -1.98 12.19
CA SER A 237 -9.78 -1.60 11.89
C SER A 237 -9.21 -0.66 12.96
N GLN A 238 -10.03 0.30 13.39
CA GLN A 238 -9.66 1.25 14.44
C GLN A 238 -9.39 0.55 15.77
N VAL A 239 -10.27 -0.38 16.17
CA VAL A 239 -10.11 -1.08 17.44
C VAL A 239 -8.84 -1.92 17.43
N LEU A 240 -8.61 -2.64 16.34
CA LEU A 240 -7.44 -3.50 16.19
C LEU A 240 -6.12 -2.72 16.20
N ILE A 241 -6.11 -1.57 15.51
CA ILE A 241 -4.94 -0.69 15.51
C ILE A 241 -4.70 -0.07 16.89
N GLY A 242 -5.77 0.33 17.56
CA GLY A 242 -5.69 0.91 18.90
C GLY A 242 -5.10 -0.03 19.95
N ARG A 243 -5.13 -1.33 19.66
CA ARG A 243 -4.62 -2.36 20.56
C ARG A 243 -3.13 -2.67 20.33
N MET A 244 -2.55 -2.03 19.32
CA MET A 244 -1.13 -2.21 18.98
C MET A 244 -0.22 -1.39 19.87
N ASP A 245 1.03 -1.84 20.00
CA ASP A 245 2.08 -1.12 20.72
C ASP A 245 1.61 -0.59 22.08
N LYS A 246 1.02 -1.47 22.88
CA LYS A 246 0.51 -1.10 24.20
C LYS A 246 1.66 -0.94 25.19
N LYS A 247 1.48 -0.02 26.14
CA LYS A 247 2.43 0.18 27.23
C LYS A 247 2.51 -1.08 28.09
N ILE A 248 1.36 -1.51 28.60
CA ILE A 248 1.23 -2.74 29.37
C ILE A 248 0.13 -3.59 28.75
N TRP A 249 0.44 -4.85 28.51
CA TRP A 249 -0.51 -5.80 27.96
C TRP A 249 -1.44 -6.33 29.05
N LYS A 250 -2.74 -6.17 28.82
CA LYS A 250 -3.77 -6.64 29.75
C LYS A 250 -4.19 -8.07 29.43
N GLY A 251 -3.95 -8.51 28.20
CA GLY A 251 -4.30 -9.86 27.78
C GLY A 251 -5.80 -10.01 27.58
N PRO A 252 -6.28 -11.26 27.47
CA PRO A 252 -7.70 -11.45 27.16
C PRO A 252 -8.60 -11.31 28.39
N LYS A 253 -9.90 -11.17 28.15
CA LYS A 253 -10.89 -11.29 29.22
C LYS A 253 -11.47 -12.69 29.09
N TYR A 254 -11.35 -13.49 30.14
CA TYR A 254 -11.80 -14.87 30.09
C TYR A 254 -13.28 -15.02 30.42
N GLU A 255 -13.90 -15.98 29.73
CA GLU A 255 -15.34 -16.18 29.78
C GLU A 255 -15.60 -17.67 29.88
N GLU A 256 -16.73 -18.05 30.47
CA GLU A 256 -17.13 -19.45 30.57
C GLU A 256 -17.48 -20.00 29.19
N ASP A 257 -17.05 -21.22 28.92
CA ASP A 257 -17.38 -21.89 27.66
C ASP A 257 -18.86 -22.24 27.63
N VAL A 258 -19.38 -22.51 26.43
CA VAL A 258 -20.77 -22.91 26.22
C VAL A 258 -20.99 -24.32 26.75
N ASN A 259 -22.15 -24.55 27.38
CA ASN A 259 -22.59 -25.90 27.73
C ASN A 259 -23.66 -26.38 26.75
N LEU A 260 -23.41 -27.52 26.11
CA LEU A 260 -24.28 -28.04 25.07
C LEU A 260 -25.15 -29.19 25.56
N GLY A 261 -25.03 -29.52 26.85
CA GLY A 261 -25.84 -30.56 27.46
C GLY A 261 -25.72 -31.91 26.79
N SER A 262 -26.81 -32.67 26.83
CA SER A 262 -26.86 -34.02 26.29
C SER A 262 -28.29 -34.41 25.94
N GLY A 263 -28.45 -35.59 25.37
CA GLY A 263 -29.77 -36.11 25.04
C GLY A 263 -30.14 -35.92 23.58
N THR A 264 -31.11 -36.71 23.14
CA THR A 264 -31.65 -36.60 21.79
C THR A 264 -32.84 -35.64 21.79
N ARG A 265 -33.14 -35.07 20.62
CA ARG A 265 -34.33 -34.24 20.50
C ARG A 265 -35.34 -34.86 19.54
N ALA A 266 -36.61 -34.61 19.81
CA ALA A 266 -37.72 -35.09 18.99
C ALA A 266 -37.55 -34.67 17.54
N VAL A 267 -37.93 -35.58 16.64
CA VAL A 267 -37.77 -35.37 15.20
C VAL A 267 -39.14 -35.25 14.54
N GLY B 5 -4.24 -3.35 -9.01
CA GLY B 5 -2.88 -3.57 -8.44
C GLY B 5 -2.05 -2.30 -8.38
N ARG B 6 -1.22 -2.19 -7.35
CA ARG B 6 -0.30 -1.07 -7.21
C ARG B 6 1.00 -1.29 -7.98
N THR B 7 1.47 -0.24 -8.63
CA THR B 7 2.78 -0.24 -9.28
C THR B 7 3.86 -0.46 -8.22
N LEU B 8 5.02 -0.96 -8.64
CA LEU B 8 6.18 -1.13 -7.75
C LEU B 8 6.59 0.19 -7.08
N GLY B 9 6.47 1.29 -7.82
CA GLY B 9 6.72 2.63 -7.30
C GLY B 9 5.87 2.99 -6.09
N GLU B 10 4.57 2.73 -6.16
CA GLU B 10 3.66 2.99 -5.03
C GLU B 10 3.98 2.12 -3.83
N GLN B 11 4.38 0.88 -4.10
CA GLN B 11 4.76 -0.05 -3.05
C GLN B 11 6.02 0.43 -2.32
N TRP B 12 7.03 0.80 -3.10
CA TRP B 12 8.26 1.38 -2.57
C TRP B 12 7.97 2.63 -1.73
N LYS B 13 7.08 3.49 -2.20
CA LYS B 13 6.74 4.74 -1.53
C LYS B 13 6.11 4.50 -0.17
N GLU B 14 5.14 3.60 -0.12
CA GLU B 14 4.45 3.21 1.12
C GLU B 14 5.42 2.58 2.12
N MLY B 15 6.34 1.78 1.61
CA MLY B 15 7.39 1.16 2.42
CB MLY B 15 8.12 0.18 1.53
CG MLY B 15 8.60 -1.01 2.35
CD MLY B 15 9.16 -2.03 1.38
CE MLY B 15 10.20 -2.92 2.05
NZ MLY B 15 10.10 -4.17 1.31
CH1 MLY B 15 11.21 -4.29 0.35
CH2 MLY B 15 10.05 -5.30 2.26
C MLY B 15 8.36 2.18 2.95
O MLY B 15 8.76 2.10 4.10
N LEU B 16 8.75 3.12 2.10
CA LEU B 16 9.59 4.24 2.52
C LEU B 16 9.00 4.96 3.74
N ASN B 17 7.72 5.29 3.66
CA ASN B 17 7.02 6.02 4.73
C ASN B 17 6.90 5.24 6.04
N ALA B 18 7.13 3.93 5.98
CA ALA B 18 7.06 3.08 7.18
C ALA B 18 8.41 2.93 7.90
N MET B 19 9.48 3.40 7.26
CA MET B 19 10.82 3.27 7.83
C MET B 19 11.03 4.15 9.06
N GLY B 20 11.69 3.60 10.09
CA GLY B 20 12.15 4.40 11.23
C GLY B 20 13.22 5.40 10.82
N LYS B 21 13.41 6.43 11.64
CA LYS B 21 14.32 7.54 11.29
C LYS B 21 15.74 7.09 10.93
N GLU B 22 16.29 6.17 11.73
CA GLU B 22 17.63 5.62 11.50
C GLU B 22 17.73 4.93 10.16
N GLU B 23 16.83 3.97 9.94
CA GLU B 23 16.78 3.23 8.68
C GLU B 23 16.56 4.15 7.48
N PHE B 24 15.68 5.14 7.63
CA PHE B 24 15.43 6.04 6.50
C PHE B 24 16.69 6.77 6.04
N PHE B 25 17.42 7.36 6.98
CA PHE B 25 18.58 8.20 6.63
C PHE B 25 19.75 7.40 6.05
N SER B 26 19.90 6.18 6.55
CA SER B 26 20.84 5.24 5.97
C SER B 26 20.40 4.84 4.56
N TYR B 27 19.15 4.40 4.43
CA TYR B 27 18.62 3.93 3.14
C TYR B 27 18.78 4.99 2.06
N ARG B 28 18.39 6.21 2.41
CA ARG B 28 18.41 7.40 1.56
C ARG B 28 19.66 7.52 0.68
N LYS B 29 20.82 7.23 1.26
CA LYS B 29 22.11 7.42 0.59
C LYS B 29 22.80 6.11 0.19
N GLU B 30 22.08 5.00 0.29
CA GLU B 30 22.66 3.68 0.02
C GLU B 30 23.00 3.47 -1.44
N ALA B 31 24.30 3.30 -1.71
CA ALA B 31 24.83 2.98 -3.04
C ALA B 31 24.50 4.03 -4.10
N ILE B 32 24.10 5.23 -3.65
CA ILE B 32 23.90 6.35 -4.56
C ILE B 32 25.24 6.99 -4.90
N LEU B 33 25.25 7.75 -5.97
CA LEU B 33 26.41 8.53 -6.37
C LEU B 33 26.31 9.88 -5.67
N GLU B 34 27.40 10.28 -5.03
CA GLU B 34 27.41 11.53 -4.26
C GLU B 34 28.63 12.38 -4.59
N VAL B 35 28.38 13.66 -4.80
CA VAL B 35 29.43 14.61 -5.09
C VAL B 35 30.00 15.21 -3.80
N ASP B 36 31.32 15.27 -3.70
CA ASP B 36 31.98 15.91 -2.56
C ASP B 36 31.83 17.42 -2.65
N ARG B 37 30.97 17.96 -1.78
CA ARG B 37 30.64 19.39 -1.77
C ARG B 37 31.42 20.19 -0.73
N THR B 38 32.39 19.55 -0.07
CA THR B 38 33.18 20.18 1.00
C THR B 38 33.91 21.45 0.53
N GLU B 39 34.53 21.38 -0.64
CA GLU B 39 35.24 22.52 -1.22
C GLU B 39 34.29 23.68 -1.54
N ALA B 40 33.15 23.34 -2.12
CA ALA B 40 32.15 24.34 -2.51
C ALA B 40 31.58 25.08 -1.32
N ARG B 41 31.32 24.36 -0.21
CA ARG B 41 30.81 24.96 1.02
C ARG B 41 31.81 25.95 1.63
N ARG B 42 33.09 25.59 1.59
CA ARG B 42 34.16 26.48 2.04
C ARG B 42 34.29 27.69 1.12
N ALA B 43 34.07 27.48 -0.19
CA ALA B 43 34.08 28.57 -1.17
C ALA B 43 32.93 29.54 -0.95
N ARG B 44 31.74 29.00 -0.64
CA ARG B 44 30.53 29.79 -0.41
C ARG B 44 30.71 30.79 0.74
N ARG B 45 31.13 30.30 1.89
CA ARG B 45 31.33 31.12 3.09
C ARG B 45 32.52 32.08 2.96
N GLU B 46 33.46 31.76 2.06
CA GLU B 46 34.57 32.65 1.75
C GLU B 46 34.19 33.71 0.72
N GLY B 47 33.06 33.49 0.04
CA GLY B 47 32.59 34.38 -1.01
C GLY B 47 33.35 34.21 -2.32
N ASN B 48 34.03 33.08 -2.47
CA ASN B 48 34.77 32.75 -3.68
C ASN B 48 33.82 32.46 -4.84
N LYS B 49 33.79 33.37 -5.81
CA LYS B 49 32.93 33.25 -6.99
C LYS B 49 33.68 32.76 -8.23
N VAL B 50 35.00 32.62 -8.10
CA VAL B 50 35.87 32.38 -9.25
C VAL B 50 36.62 31.04 -9.22
N GLY B 51 36.23 30.15 -8.30
CA GLY B 51 36.95 28.89 -8.10
C GLY B 51 36.38 27.69 -8.84
N GLY B 52 35.32 27.90 -9.60
CA GLY B 52 34.69 26.82 -10.36
C GLY B 52 33.67 26.00 -9.59
N HIS B 53 33.53 26.28 -8.30
CA HIS B 53 32.61 25.55 -7.42
C HIS B 53 31.14 25.82 -7.75
N PRO B 54 30.39 24.77 -8.12
CA PRO B 54 28.97 24.92 -8.44
C PRO B 54 28.16 25.42 -7.25
N VAL B 55 27.07 26.15 -7.52
CA VAL B 55 26.27 26.74 -6.44
C VAL B 55 25.45 25.69 -5.69
N SER B 56 25.17 24.57 -6.35
CA SER B 56 24.36 23.51 -5.78
C SER B 56 24.82 22.13 -6.24
N ARG B 57 24.21 21.11 -5.66
CA ARG B 57 24.40 19.72 -6.05
C ARG B 57 23.76 19.44 -7.40
N GLY B 58 22.84 20.31 -7.82
CA GLY B 58 22.10 20.14 -9.08
C GLY B 58 22.97 20.16 -10.32
N THR B 59 24.07 20.89 -10.28
CA THR B 59 25.00 21.00 -11.40
C THR B 59 25.49 19.62 -11.82
N ALA B 60 25.90 18.83 -10.83
CA ALA B 60 26.41 17.48 -11.06
C ALA B 60 25.36 16.57 -11.69
N LYS B 61 24.09 16.77 -11.36
CA LYS B 61 23.00 16.01 -11.97
C LYS B 61 22.85 16.28 -13.46
N LEU B 62 22.90 17.56 -13.85
CA LEU B 62 22.79 17.94 -15.26
C LEU B 62 24.04 17.53 -16.01
N ARG B 63 25.20 17.67 -15.37
CA ARG B 63 26.47 17.22 -15.94
C ARG B 63 26.38 15.74 -16.32
N TRP B 64 25.89 14.92 -15.39
CA TRP B 64 25.70 13.49 -15.62
C TRP B 64 24.86 13.22 -16.89
N LEU B 65 23.80 14.00 -17.07
CA LEU B 65 22.91 13.85 -18.21
C LEU B 65 23.54 14.33 -19.53
N VAL B 66 24.22 15.47 -19.49
CA VAL B 66 24.86 16.05 -20.67
C VAL B 66 26.03 15.21 -21.16
N GLU B 67 26.84 14.71 -20.24
CA GLU B 67 27.98 13.86 -20.60
C GLU B 67 27.56 12.53 -21.24
N ARG B 68 26.30 12.17 -21.07
CA ARG B 68 25.73 10.99 -21.71
C ARG B 68 24.80 11.36 -22.86
N ARG B 69 24.86 12.63 -23.28
CA ARG B 69 24.10 13.17 -24.43
C ARG B 69 22.57 12.98 -24.32
N PHE B 70 22.05 12.97 -23.10
CA PHE B 70 20.62 12.91 -22.89
C PHE B 70 19.95 14.26 -23.19
N VAL B 71 20.74 15.34 -23.04
CA VAL B 71 20.35 16.68 -23.45
C VAL B 71 21.62 17.42 -23.90
N GLN B 72 21.48 18.30 -24.89
CA GLN B 72 22.60 19.07 -25.43
C GLN B 72 22.22 20.54 -25.56
N PRO B 73 22.37 21.31 -24.48
CA PRO B 73 21.90 22.70 -24.47
C PRO B 73 22.39 23.52 -25.66
N ILE B 74 21.51 24.36 -26.19
CA ILE B 74 21.74 25.10 -27.42
C ILE B 74 20.91 26.39 -27.46
N GLY B 75 21.44 27.42 -28.12
CA GLY B 75 20.74 28.69 -28.33
C GLY B 75 20.35 29.37 -27.04
N MLY B 76 19.09 29.78 -26.95
CA MLY B 76 18.54 30.38 -25.73
CB MLY B 76 17.43 31.38 -26.05
CG MLY B 76 16.63 31.77 -24.80
CD MLY B 76 15.82 33.03 -25.04
CE MLY B 76 14.71 33.16 -24.01
NZ MLY B 76 14.22 34.54 -23.96
CH1 MLY B 76 13.10 34.70 -24.90
CH2 MLY B 76 13.78 34.87 -22.60
C MLY B 76 18.03 29.29 -24.83
O MLY B 76 17.13 28.54 -25.18
N VAL B 77 18.61 29.22 -23.63
CA VAL B 77 18.23 28.23 -22.64
C VAL B 77 17.30 28.88 -21.62
N VAL B 78 16.16 28.25 -21.38
CA VAL B 78 15.27 28.67 -20.30
C VAL B 78 15.29 27.61 -19.19
N ASP B 79 15.56 28.06 -17.97
CA ASP B 79 15.67 27.19 -16.81
C ASP B 79 14.60 27.51 -15.76
N LEU B 80 13.59 26.65 -15.70
CA LEU B 80 12.46 26.83 -14.79
C LEU B 80 12.77 26.24 -13.42
N GLY B 81 12.62 27.07 -12.38
CA GLY B 81 12.96 26.67 -11.02
C GLY B 81 14.46 26.60 -10.87
N CYS B 82 15.13 27.69 -11.22
CA CYS B 82 16.59 27.69 -11.30
C CYS B 82 17.27 27.68 -9.93
N GLY B 83 16.52 28.02 -8.89
CA GLY B 83 17.08 28.13 -7.55
C GLY B 83 18.31 29.02 -7.55
N ARG B 84 19.38 28.53 -6.92
CA ARG B 84 20.66 29.25 -6.86
C ARG B 84 21.33 29.43 -8.22
N GLY B 85 21.01 28.54 -9.16
CA GLY B 85 21.55 28.62 -10.52
C GLY B 85 22.43 27.46 -11.00
N GLY B 86 22.37 26.33 -10.30
CA GLY B 86 23.20 25.16 -10.62
C GLY B 86 23.14 24.70 -12.06
N TRP B 87 21.92 24.70 -12.63
CA TRP B 87 21.69 24.30 -14.02
C TRP B 87 21.93 25.45 -15.00
N SER B 88 21.61 26.66 -14.57
CA SER B 88 21.83 27.87 -15.36
C SER B 88 23.32 28.14 -15.62
N TYR B 89 24.12 28.09 -14.56
CA TYR B 89 25.57 28.33 -14.69
C TYR B 89 26.29 27.22 -15.46
N TYR B 90 25.81 25.99 -15.32
CA TYR B 90 26.37 24.88 -16.08
C TYR B 90 26.07 25.07 -17.56
N ALA B 91 24.81 25.34 -17.87
CA ALA B 91 24.37 25.57 -19.25
C ALA B 91 25.20 26.65 -19.94
N ALA B 92 25.59 27.67 -19.18
CA ALA B 92 26.36 28.78 -19.74
C ALA B 92 27.79 28.39 -20.12
N THR B 93 28.20 27.18 -19.75
CA THR B 93 29.53 26.68 -20.11
C THR B 93 29.48 25.78 -21.36
N MET B 94 28.31 25.67 -21.98
CA MET B 94 28.10 24.76 -23.12
C MET B 94 28.39 25.42 -24.47
N MLY B 95 28.97 24.64 -25.38
CA MLY B 95 29.46 25.17 -26.66
CB MLY B 95 30.26 24.10 -27.41
CG MLY B 95 29.44 22.96 -28.02
CD MLY B 95 30.33 21.81 -28.44
CE MLY B 95 29.66 20.90 -29.46
NZ MLY B 95 29.98 19.47 -29.28
CH1 MLY B 95 29.82 18.79 -30.58
CH2 MLY B 95 31.35 19.23 -28.82
C MLY B 95 28.42 25.81 -27.53
O MLY B 95 28.71 26.80 -28.22
N ASN B 96 27.18 25.30 -27.51
CA ASN B 96 26.14 25.76 -28.42
C ASN B 96 25.19 26.79 -27.82
N VAL B 97 25.46 27.21 -26.59
CA VAL B 97 24.58 28.11 -25.84
C VAL B 97 24.88 29.59 -26.08
N GLN B 98 23.84 30.35 -26.37
CA GLN B 98 23.93 31.80 -26.64
C GLN B 98 23.53 32.60 -25.41
N GLU B 99 22.54 32.10 -24.67
CA GLU B 99 21.89 32.83 -23.59
C GLU B 99 21.22 31.89 -22.60
N VAL B 100 21.29 32.24 -21.31
CA VAL B 100 20.62 31.47 -20.27
C VAL B 100 19.69 32.36 -19.44
N ARG B 101 18.40 32.03 -19.47
CA ARG B 101 17.39 32.75 -18.70
C ARG B 101 16.79 31.80 -17.67
N GLY B 102 16.95 32.14 -16.40
CA GLY B 102 16.41 31.32 -15.32
C GLY B 102 15.27 32.02 -14.59
N TYR B 103 14.32 31.24 -14.11
CA TYR B 103 13.21 31.77 -13.31
C TYR B 103 13.04 30.91 -12.09
N THR B 104 12.84 31.55 -10.94
CA THR B 104 12.64 30.83 -9.70
C THR B 104 11.77 31.70 -8.77
N MLY B 105 11.07 31.07 -7.84
CA MLY B 105 10.16 31.80 -6.96
CB MLY B 105 9.06 30.90 -6.37
CG MLY B 105 9.57 29.86 -5.37
CD MLY B 105 8.50 28.83 -5.04
CE MLY B 105 7.62 29.26 -3.87
NZ MLY B 105 6.35 28.51 -3.96
CH1 MLY B 105 6.24 27.56 -2.83
CH2 MLY B 105 5.21 29.43 -3.99
C MLY B 105 10.86 32.60 -5.89
O MLY B 105 10.43 33.72 -5.58
N GLY B 106 11.94 32.06 -5.32
CA GLY B 106 12.64 32.72 -4.23
C GLY B 106 11.73 32.97 -3.03
N GLY B 107 12.08 33.98 -2.22
CA GLY B 107 11.30 34.33 -1.04
C GLY B 107 11.51 33.36 0.13
N PRO B 108 10.82 33.58 1.26
CA PRO B 108 11.02 32.76 2.45
C PRO B 108 10.97 31.28 2.18
N GLY B 109 11.93 30.55 2.73
CA GLY B 109 11.99 29.10 2.61
C GLY B 109 12.52 28.57 1.29
N HIS B 110 12.77 29.46 0.34
CA HIS B 110 13.19 29.04 -1.00
C HIS B 110 14.45 29.77 -1.45
N GLU B 111 15.22 29.08 -2.30
CA GLU B 111 16.56 29.51 -2.69
C GLU B 111 16.49 30.68 -3.65
N GLU B 112 17.35 31.65 -3.41
CA GLU B 112 17.51 32.80 -4.29
C GLU B 112 18.66 32.56 -5.25
N PRO B 113 18.55 33.10 -6.49
CA PRO B 113 19.66 33.03 -7.45
C PRO B 113 20.94 33.56 -6.84
N MET B 114 22.03 32.81 -6.98
CA MET B 114 23.35 33.25 -6.52
C MET B 114 24.14 33.90 -7.64
N LEU B 115 24.86 34.96 -7.30
CA LEU B 115 25.71 35.63 -8.27
C LEU B 115 27.09 34.97 -8.27
N MET B 116 27.40 34.27 -9.36
CA MET B 116 28.68 33.58 -9.48
C MET B 116 29.46 34.11 -10.67
N GLN B 117 30.75 33.78 -10.72
CA GLN B 117 31.59 34.14 -11.85
C GLN B 117 32.17 32.91 -12.55
N SER B 118 31.38 31.84 -12.61
CA SER B 118 31.72 30.68 -13.42
C SER B 118 31.79 31.08 -14.87
N TYR B 119 32.51 30.30 -15.67
CA TYR B 119 32.67 30.58 -17.08
C TYR B 119 31.31 30.81 -17.74
N GLY B 120 31.20 31.94 -18.43
CA GLY B 120 29.98 32.29 -19.14
C GLY B 120 28.91 32.94 -18.29
N TRP B 121 29.27 33.36 -17.08
CA TRP B 121 28.30 34.00 -16.16
C TRP B 121 27.63 35.23 -16.77
N ASN B 122 28.34 35.89 -17.68
CA ASN B 122 27.82 37.08 -18.36
C ASN B 122 26.54 36.84 -19.17
N ILE B 123 26.33 35.61 -19.63
CA ILE B 123 25.13 35.28 -20.42
C ILE B 123 24.02 34.65 -19.57
N VAL B 124 24.20 34.66 -18.25
CA VAL B 124 23.20 34.15 -17.32
C VAL B 124 22.38 35.29 -16.71
N THR B 125 21.07 35.21 -16.85
CA THR B 125 20.16 36.15 -16.20
C THR B 125 19.08 35.37 -15.45
N MET B 126 19.11 35.45 -14.12
CA MET B 126 18.09 34.78 -13.30
C MET B 126 17.15 35.79 -12.64
N LYS B 127 15.85 35.57 -12.82
CA LYS B 127 14.83 36.43 -12.22
C LYS B 127 14.14 35.68 -11.09
N SER B 128 14.20 36.25 -9.89
CA SER B 128 13.53 35.68 -8.72
C SER B 128 12.12 36.25 -8.59
N GLY B 129 11.35 35.75 -7.63
CA GLY B 129 9.98 36.20 -7.40
C GLY B 129 9.02 35.79 -8.51
N VAL B 130 9.37 34.72 -9.23
CA VAL B 130 8.59 34.27 -10.37
C VAL B 130 7.99 32.89 -10.10
N ASP B 131 6.66 32.84 -10.00
CA ASP B 131 5.95 31.57 -9.97
C ASP B 131 5.72 31.13 -11.42
N VAL B 132 6.42 30.06 -11.82
CA VAL B 132 6.40 29.61 -13.22
C VAL B 132 5.02 29.16 -13.70
N PHE B 133 4.15 28.79 -12.76
CA PHE B 133 2.78 28.40 -13.10
C PHE B 133 1.94 29.56 -13.63
N TYR B 134 2.41 30.78 -13.38
CA TYR B 134 1.70 31.99 -13.79
C TYR B 134 2.51 32.82 -14.79
N LYS B 135 3.71 32.33 -15.12
CA LYS B 135 4.57 32.96 -16.13
C LYS B 135 4.17 32.50 -17.52
N PRO B 136 3.71 33.44 -18.37
CA PRO B 136 3.41 33.13 -19.77
C PRO B 136 4.65 32.57 -20.47
N SER B 137 4.47 31.53 -21.28
CA SER B 137 5.59 30.86 -21.93
C SER B 137 6.32 31.77 -22.93
N GLU B 138 7.60 31.50 -23.10
CA GLU B 138 8.44 32.25 -24.03
C GLU B 138 9.15 31.25 -24.92
N ILE B 139 9.62 31.70 -26.09
CA ILE B 139 10.40 30.85 -26.98
C ILE B 139 11.76 30.52 -26.36
N SER B 140 12.18 29.27 -26.52
CA SER B 140 13.51 28.85 -26.12
C SER B 140 14.00 27.82 -27.13
N ASP B 141 15.29 27.53 -27.11
CA ASP B 141 15.86 26.45 -27.93
C ASP B 141 16.17 25.26 -27.03
N THR B 142 16.31 25.53 -25.74
CA THR B 142 16.49 24.50 -24.74
C THR B 142 15.62 24.83 -23.54
N LEU B 143 14.80 23.86 -23.12
CA LEU B 143 13.98 24.04 -21.93
C LEU B 143 14.40 23.11 -20.81
N LEU B 144 14.83 23.71 -19.71
CA LEU B 144 15.16 22.98 -18.51
C LEU B 144 14.11 23.29 -17.44
N CYS B 145 13.73 22.27 -16.68
CA CYS B 145 12.80 22.44 -15.57
C CYS B 145 13.14 21.44 -14.48
N ASP B 146 13.42 21.95 -13.29
CA ASP B 146 13.88 21.12 -12.18
C ASP B 146 12.98 21.28 -10.95
N ILE B 147 11.68 21.37 -11.21
CA ILE B 147 10.68 21.63 -10.16
C ILE B 147 9.93 20.35 -9.78
N GLY B 148 9.55 20.27 -8.51
CA GLY B 148 8.81 19.13 -8.00
C GLY B 148 9.02 18.99 -6.51
N GLU B 149 8.02 19.40 -5.73
CA GLU B 149 8.08 19.35 -4.27
C GLU B 149 7.53 18.01 -3.77
N SER B 150 8.34 17.29 -3.01
CA SER B 150 7.97 15.96 -2.53
C SER B 150 6.81 15.99 -1.52
N SER B 151 6.09 14.86 -1.49
CA SER B 151 5.05 14.59 -0.50
C SER B 151 5.15 13.11 -0.14
N PRO B 152 4.86 12.75 1.14
CA PRO B 152 4.78 11.33 1.47
C PRO B 152 3.65 10.63 0.69
N SER B 153 2.72 11.42 0.13
CA SER B 153 1.58 10.88 -0.61
C SER B 153 1.87 10.83 -2.10
N ALA B 154 1.87 9.61 -2.64
CA ALA B 154 2.05 9.40 -4.08
C ALA B 154 0.97 10.12 -4.88
N GLU B 155 -0.27 10.09 -4.38
CA GLU B 155 -1.39 10.77 -5.02
C GLU B 155 -1.16 12.28 -5.16
N ILE B 156 -0.69 12.91 -4.08
CA ILE B 156 -0.36 14.33 -4.08
C ILE B 156 0.81 14.61 -5.03
N GLU B 157 1.86 13.79 -4.94
CA GLU B 157 2.98 13.87 -5.86
C GLU B 157 2.52 13.69 -7.31
N GLU B 158 1.54 12.82 -7.53
CA GLU B 158 0.94 12.63 -8.84
C GLU B 158 0.30 13.93 -9.34
N GLN B 159 -0.53 14.54 -8.49
CA GLN B 159 -1.18 15.81 -8.78
C GLN B 159 -0.14 16.91 -9.10
N ARG B 160 0.90 16.97 -8.28
CA ARG B 160 2.00 17.94 -8.47
C ARG B 160 2.75 17.73 -9.79
N THR B 161 3.03 16.47 -10.14
CA THR B 161 3.73 16.12 -11.38
C THR B 161 2.89 16.47 -12.61
N LEU B 162 1.58 16.19 -12.55
CA LEU B 162 0.66 16.49 -13.66
C LEU B 162 0.54 17.99 -13.91
N ARG B 163 0.52 18.78 -12.84
CA ARG B 163 0.46 20.23 -12.93
C ARG B 163 1.68 20.78 -13.65
N ILE B 164 2.86 20.27 -13.27
CA ILE B 164 4.13 20.65 -13.87
C ILE B 164 4.17 20.27 -15.37
N LEU B 165 3.69 19.07 -15.68
CA LEU B 165 3.63 18.59 -17.07
C LEU B 165 2.70 19.44 -17.93
N GLU B 166 1.62 19.94 -17.33
CA GLU B 166 0.70 20.83 -18.05
C GLU B 166 1.37 22.15 -18.45
N MET B 167 2.14 22.75 -17.53
CA MET B 167 2.77 24.03 -17.83
C MET B 167 4.02 23.87 -18.71
N VAL B 168 4.75 22.79 -18.50
CA VAL B 168 5.92 22.46 -19.31
C VAL B 168 5.54 22.27 -20.79
N SER B 169 4.39 21.66 -21.04
CA SER B 169 3.90 21.45 -22.40
C SER B 169 3.77 22.77 -23.18
N ASP B 170 3.32 23.82 -22.48
CA ASP B 170 3.21 25.17 -23.07
C ASP B 170 4.53 25.73 -23.58
N TRP B 171 5.59 25.54 -22.78
CA TRP B 171 6.93 25.99 -23.16
C TRP B 171 7.48 25.14 -24.31
N LEU B 172 7.20 23.83 -24.26
CA LEU B 172 7.64 22.88 -25.27
C LEU B 172 7.02 23.13 -26.65
N SER B 173 5.81 23.67 -26.68
CA SER B 173 5.13 23.94 -27.94
C SER B 173 5.66 25.24 -28.57
N ARG B 174 6.53 25.93 -27.84
CA ARG B 174 7.15 27.18 -28.33
C ARG B 174 8.52 26.91 -28.96
N GLY B 175 8.78 25.66 -29.33
CA GLY B 175 9.93 25.34 -30.19
C GLY B 175 11.15 24.55 -29.73
N PRO B 176 11.42 24.46 -28.40
CA PRO B 176 12.70 23.83 -28.01
C PRO B 176 12.78 22.35 -28.41
N LYS B 177 13.90 21.98 -29.05
CA LYS B 177 14.13 20.59 -29.42
C LYS B 177 15.01 19.89 -28.37
N GLU B 178 15.64 20.69 -27.51
CA GLU B 178 16.41 20.15 -26.40
C GLU B 178 15.67 20.44 -25.12
N PHE B 179 15.49 19.41 -24.30
CA PHE B 179 14.83 19.61 -23.01
C PHE B 179 15.26 18.63 -21.94
N CYS B 180 15.06 19.02 -20.69
CA CYS B 180 15.37 18.19 -19.54
C CYS B 180 14.44 18.60 -18.39
N ILE B 181 13.44 17.76 -18.15
CA ILE B 181 12.40 18.08 -17.17
C ILE B 181 12.33 17.04 -16.06
N LYS B 182 12.46 17.50 -14.81
CA LYS B 182 12.28 16.62 -13.66
C LYS B 182 10.84 16.10 -13.61
N ILE B 183 10.71 14.79 -13.49
CA ILE B 183 9.43 14.15 -13.24
C ILE B 183 9.46 13.65 -11.79
N LEU B 184 8.78 14.38 -10.91
CA LEU B 184 8.77 14.07 -9.49
C LEU B 184 8.32 12.64 -9.21
N CYS B 185 7.14 12.29 -9.73
CA CYS B 185 6.50 11.01 -9.45
C CYS B 185 6.14 10.31 -10.76
N PRO B 186 7.10 9.59 -11.37
CA PRO B 186 6.92 8.95 -12.68
C PRO B 186 6.18 7.62 -12.65
N TYR B 187 5.96 7.06 -11.46
CA TYR B 187 5.42 5.71 -11.34
C TYR B 187 3.90 5.61 -11.23
N MET B 188 3.22 6.75 -11.11
CA MET B 188 1.77 6.74 -10.96
C MET B 188 1.08 6.69 -12.32
N PRO B 189 0.06 5.82 -12.46
CA PRO B 189 -0.66 5.57 -13.72
C PRO B 189 -1.03 6.82 -14.52
N LYS B 190 -1.56 7.85 -13.86
CA LYS B 190 -1.94 9.09 -14.55
C LYS B 190 -0.73 9.81 -15.14
N VAL B 191 0.39 9.79 -14.42
CA VAL B 191 1.62 10.43 -14.89
C VAL B 191 2.21 9.67 -16.08
N ILE B 192 2.26 8.34 -15.97
CA ILE B 192 2.66 7.46 -17.08
C ILE B 192 1.82 7.75 -18.33
N GLU B 193 0.52 7.82 -18.16
CA GLU B 193 -0.41 8.14 -19.24
C GLU B 193 -0.04 9.47 -19.92
N LYS B 194 0.18 10.49 -19.10
CA LYS B 194 0.50 11.82 -19.59
C LYS B 194 1.87 11.83 -20.29
N LEU B 195 2.84 11.11 -19.72
CA LEU B 195 4.18 11.03 -20.29
C LEU B 195 4.20 10.34 -21.65
N GLU B 196 3.41 9.29 -21.79
CA GLU B 196 3.33 8.57 -23.05
C GLU B 196 2.79 9.50 -24.13
N SER B 197 1.74 10.26 -23.82
CA SER B 197 1.18 11.21 -24.78
C SER B 197 2.18 12.31 -25.09
N LEU B 198 2.89 12.79 -24.07
CA LEU B 198 3.93 13.79 -24.26
C LEU B 198 5.07 13.27 -25.12
N GLN B 199 5.51 12.05 -24.83
CA GLN B 199 6.58 11.40 -25.59
C GLN B 199 6.21 11.26 -27.06
N ARG B 200 4.95 10.86 -27.33
CA ARG B 200 4.46 10.78 -28.70
C ARG B 200 4.52 12.13 -29.39
N ARG B 201 4.26 13.20 -28.63
CA ARG B 201 4.23 14.55 -29.18
C ARG B 201 5.60 15.22 -29.31
N PHE B 202 6.42 15.10 -28.27
CA PHE B 202 7.70 15.82 -28.21
C PHE B 202 8.94 14.93 -28.24
N GLY B 203 8.75 13.62 -28.13
CA GLY B 203 9.88 12.68 -28.10
C GLY B 203 10.53 12.56 -26.73
N GLY B 204 11.80 12.18 -26.73
CA GLY B 204 12.55 12.00 -25.49
C GLY B 204 12.24 10.71 -24.77
N GLY B 205 12.68 10.64 -23.51
CA GLY B 205 12.43 9.48 -22.66
C GLY B 205 12.86 9.76 -21.24
N LEU B 206 12.63 8.80 -20.36
CA LEU B 206 12.89 8.98 -18.94
C LEU B 206 14.18 8.32 -18.48
N VAL B 207 14.97 9.05 -17.71
CA VAL B 207 16.23 8.55 -17.20
C VAL B 207 16.33 8.84 -15.70
N ARG B 208 16.76 7.82 -14.97
CA ARG B 208 17.14 7.95 -13.57
C ARG B 208 18.60 8.38 -13.47
N VAL B 209 18.85 9.46 -12.73
CA VAL B 209 20.21 9.90 -12.43
C VAL B 209 20.65 9.28 -11.09
N PRO B 210 21.77 8.53 -11.09
CA PRO B 210 22.21 7.84 -9.87
C PRO B 210 22.65 8.78 -8.73
N LEU B 211 22.66 10.08 -9.02
CA LEU B 211 22.92 11.09 -8.01
C LEU B 211 21.67 11.41 -7.17
N SER B 212 20.50 11.01 -7.65
CA SER B 212 19.27 11.12 -6.87
C SER B 212 19.31 10.18 -5.66
N ARG B 213 18.78 10.66 -4.53
CA ARG B 213 18.70 9.86 -3.32
C ARG B 213 17.65 8.78 -3.45
N ASN B 214 17.82 7.72 -2.68
CA ASN B 214 16.87 6.60 -2.71
C ASN B 214 15.53 6.94 -2.08
N SER B 215 15.46 8.09 -1.41
CA SER B 215 14.24 8.59 -0.79
C SER B 215 13.29 9.25 -1.79
N ASN B 216 13.73 9.36 -3.05
CA ASN B 216 12.86 9.83 -4.12
C ASN B 216 12.96 8.96 -5.37
N HIS B 217 11.96 9.09 -6.23
CA HIS B 217 11.87 8.28 -7.44
C HIS B 217 11.99 9.18 -8.66
N GLU B 218 12.51 10.39 -8.47
CA GLU B 218 12.56 11.38 -9.55
C GLU B 218 13.28 10.84 -10.77
N MET B 219 12.73 11.09 -11.94
CA MET B 219 13.41 10.76 -13.19
C MET B 219 13.33 11.98 -14.09
N TYR B 220 14.22 12.05 -15.07
CA TYR B 220 14.28 13.21 -15.94
C TYR B 220 13.80 12.87 -17.34
N TRP B 221 12.83 13.62 -17.80
CA TRP B 221 12.35 13.47 -19.16
C TRP B 221 13.23 14.31 -20.07
N VAL B 222 14.04 13.61 -20.85
CA VAL B 222 15.11 14.23 -21.63
C VAL B 222 14.97 13.93 -23.11
N SER B 223 15.23 14.94 -23.94
CA SER B 223 15.05 14.85 -25.39
C SER B 223 15.96 13.80 -26.05
N GLY B 224 17.11 13.57 -25.43
CA GLY B 224 18.10 12.62 -25.94
C GLY B 224 17.80 11.16 -25.68
N ALA B 225 17.00 10.87 -24.65
CA ALA B 225 16.58 9.49 -24.39
C ALA B 225 15.46 9.04 -25.34
N SER B 226 15.22 7.73 -25.36
CA SER B 226 14.07 7.15 -26.05
C SER B 226 13.71 5.83 -25.40
N GLY B 227 12.65 5.19 -25.88
CA GLY B 227 12.27 3.87 -25.42
C GLY B 227 11.10 3.86 -24.46
N ASN B 228 10.71 2.65 -24.08
CA ASN B 228 9.54 2.41 -23.25
C ASN B 228 9.62 3.03 -21.85
N ILE B 229 8.72 3.97 -21.58
CA ILE B 229 8.70 4.68 -20.30
C ILE B 229 8.35 3.77 -19.11
N VAL B 230 7.32 2.95 -19.26
CA VAL B 230 6.93 1.99 -18.22
C VAL B 230 8.11 1.11 -17.80
N HIS B 231 8.85 0.59 -18.78
CA HIS B 231 10.02 -0.26 -18.52
C HIS B 231 11.12 0.50 -17.78
N ALA B 232 11.46 1.70 -18.25
CA ALA B 232 12.44 2.55 -17.58
C ALA B 232 12.08 2.81 -16.12
N VAL B 233 10.82 3.19 -15.89
CA VAL B 233 10.31 3.50 -14.55
C VAL B 233 10.41 2.28 -13.63
N ASN B 234 9.91 1.13 -14.11
CA ASN B 234 9.92 -0.12 -13.35
C ASN B 234 11.33 -0.57 -13.00
N MET B 235 12.27 -0.40 -13.94
CA MET B 235 13.68 -0.69 -13.66
C MET B 235 14.17 0.09 -12.43
N THR B 236 13.85 1.39 -12.39
CA THR B 236 14.17 2.26 -11.27
C THR B 236 13.48 1.83 -9.97
N SER B 237 12.20 1.48 -10.06
CA SER B 237 11.45 0.95 -8.92
C SER B 237 12.12 -0.28 -8.33
N GLN B 238 12.60 -1.16 -9.20
CA GLN B 238 13.26 -2.40 -8.80
C GLN B 238 14.60 -2.15 -8.09
N VAL B 239 15.40 -1.23 -8.63
CA VAL B 239 16.67 -0.83 -8.02
C VAL B 239 16.44 -0.25 -6.61
N LEU B 240 15.47 0.65 -6.49
CA LEU B 240 15.14 1.28 -5.21
C LEU B 240 14.64 0.29 -4.17
N ILE B 241 13.73 -0.59 -4.58
CA ILE B 241 13.24 -1.66 -3.70
C ILE B 241 14.40 -2.57 -3.26
N GLY B 242 15.26 -2.92 -4.21
CA GLY B 242 16.38 -3.81 -3.94
C GLY B 242 17.36 -3.27 -2.92
N ARG B 243 17.41 -1.95 -2.78
CA ARG B 243 18.31 -1.31 -1.81
C ARG B 243 17.72 -1.23 -0.41
N MET B 244 16.43 -1.51 -0.28
CA MET B 244 15.75 -1.55 1.02
C MET B 244 16.12 -2.81 1.80
N ASP B 245 15.98 -2.73 3.12
CA ASP B 245 16.17 -3.86 4.04
C ASP B 245 17.58 -4.46 4.01
N LYS B 246 18.56 -3.67 3.57
CA LYS B 246 19.92 -4.16 3.39
C LYS B 246 20.50 -4.63 4.72
N LYS B 247 21.17 -5.78 4.67
CA LYS B 247 21.83 -6.38 5.83
C LYS B 247 22.84 -5.41 6.46
N ILE B 248 23.69 -4.83 5.62
CA ILE B 248 24.70 -3.87 6.03
C ILE B 248 24.64 -2.69 5.06
N TRP B 249 24.64 -1.48 5.62
CA TRP B 249 24.65 -0.26 4.82
C TRP B 249 26.07 0.11 4.41
N LYS B 250 26.29 0.23 3.10
CA LYS B 250 27.62 0.53 2.58
C LYS B 250 27.83 2.03 2.31
N GLY B 251 26.74 2.79 2.34
CA GLY B 251 26.79 4.23 2.11
C GLY B 251 26.88 4.60 0.65
N PRO B 252 27.09 5.90 0.36
CA PRO B 252 27.19 6.36 -1.02
C PRO B 252 28.58 6.15 -1.64
N LYS B 253 28.63 6.16 -2.97
CA LYS B 253 29.90 6.22 -3.68
C LYS B 253 30.16 7.70 -3.98
N TYR B 254 31.33 8.19 -3.57
CA TYR B 254 31.66 9.60 -3.72
C TYR B 254 32.33 9.94 -5.05
N GLU B 255 32.04 11.14 -5.55
CA GLU B 255 32.47 11.59 -6.86
C GLU B 255 33.01 13.01 -6.75
N GLU B 256 33.92 13.38 -7.65
CA GLU B 256 34.41 14.76 -7.71
C GLU B 256 33.31 15.65 -8.24
N ASP B 257 33.15 16.82 -7.61
CA ASP B 257 32.19 17.80 -8.09
C ASP B 257 32.67 18.38 -9.42
N VAL B 258 31.74 18.97 -10.16
CA VAL B 258 32.08 19.56 -11.45
C VAL B 258 32.79 20.91 -11.28
N ASN B 259 33.73 21.20 -12.16
CA ASN B 259 34.41 22.48 -12.17
C ASN B 259 33.88 23.36 -13.29
N LEU B 260 33.33 24.52 -12.94
CA LEU B 260 32.70 25.40 -13.93
C LEU B 260 33.63 26.53 -14.37
N GLY B 261 34.88 26.49 -13.90
CA GLY B 261 35.87 27.50 -14.24
C GLY B 261 35.42 28.89 -13.82
N SER B 262 35.91 29.89 -14.56
CA SER B 262 35.61 31.29 -14.26
C SER B 262 35.73 32.16 -15.51
N GLY B 263 35.29 33.41 -15.38
CA GLY B 263 35.48 34.39 -16.44
C GLY B 263 34.33 34.50 -17.42
N THR B 264 34.28 35.60 -18.14
CA THR B 264 33.23 35.84 -19.12
C THR B 264 33.52 35.06 -20.41
N ARG B 265 32.49 34.84 -21.22
CA ARG B 265 32.63 34.11 -22.47
C ARG B 265 32.20 34.94 -23.66
N ALA B 266 32.77 34.62 -24.82
CA ALA B 266 32.25 35.06 -26.10
C ALA B 266 31.14 34.10 -26.50
N VAL B 267 30.11 34.62 -27.16
CA VAL B 267 29.09 33.80 -27.79
C VAL B 267 29.05 34.09 -29.28
N GLY B 268 28.46 33.19 -30.05
CA GLY B 268 28.34 33.37 -31.50
C GLY B 268 27.53 34.60 -31.88
N LYS B 269 27.99 35.32 -32.91
CA LYS B 269 27.30 36.50 -33.42
C LYS B 269 26.02 36.12 -34.17
PG MGT C . -4.64 -20.20 14.04
O1G MGT C . -5.68 -19.16 14.43
O2G MGT C . -3.94 -20.82 15.23
O3G MGT C . -5.09 -21.22 13.00
O3B MGT C . -3.46 -19.36 13.31
PB MGT C . -3.70 -18.27 12.15
O1B MGT C . -2.70 -18.51 11.04
O2B MGT C . -5.18 -18.16 11.81
O3A MGT C . -3.29 -16.91 12.90
PA MGT C . -1.76 -16.41 13.00
O1A MGT C . -1.75 -15.50 14.20
O2A MGT C . -0.79 -17.57 12.93
O5' MGT C . -1.56 -15.60 11.62
C5' MGT C . -2.51 -14.67 11.12
C4' MGT C . -1.75 -13.47 10.55
O4' MGT C . -0.90 -12.89 11.55
C3' MGT C . -0.83 -13.86 9.40
O3' MGT C . -1.50 -13.84 8.15
C2' MGT C . 0.29 -12.85 9.48
O2' MGT C . -0.09 -11.64 8.80
C1' MGT C . 0.36 -12.51 10.96
N9 MGT C . 1.50 -13.16 11.66
C8 MGT C . 1.39 -14.61 11.91
N7 MGT C . 2.67 -14.75 12.60
CM7 MGT C . 2.94 -16.13 13.04
C5 MGT C . 3.38 -13.62 12.73
C6 MGT C . 4.68 -13.30 13.32
O6 MGT C . 5.40 -14.17 13.88
N1 MGT C . 5.06 -12.02 13.24
C2 MGT C . 4.32 -11.05 12.65
N2 MGT C . 4.79 -9.78 12.63
N3 MGT C . 3.11 -11.29 12.08
C4 MGT C . 2.60 -12.54 12.09
PG 3PO D . -7.09 -27.99 20.91
O1G 3PO D . -6.50 -28.70 19.72
O2G 3PO D . -7.41 -28.92 22.08
O3G 3PO D . -6.34 -26.74 21.30
PB 3PO D . -9.44 -26.41 21.18
O1B 3PO D . -10.88 -26.83 21.00
O2B 3PO D . -8.91 -26.22 22.58
O3B 3PO D . -8.53 -27.49 20.40
PA 3PO D . -9.70 -24.81 18.83
O1A 3PO D . -11.19 -24.76 18.96
O2A 3PO D . -9.07 -23.47 18.48
O3A 3PO D . -9.18 -25.06 20.34
O5' 3PO D . -9.18 -25.96 17.99
N SAH E . -17.06 -23.64 12.73
CA SAH E . -16.19 -24.81 13.03
CB SAH E . -14.73 -24.49 12.72
CG SAH E . -14.37 -24.54 11.23
SD SAH E . -12.64 -24.08 10.93
C SAH E . -16.36 -25.17 14.50
O SAH E . -17.03 -24.43 15.23
OXT SAH E . -15.84 -26.17 14.98
C5' SAH E . -12.83 -24.19 9.13
C4' SAH E . -12.85 -25.61 8.57
O4' SAH E . -13.13 -25.60 7.18
C3' SAH E . -11.54 -26.35 8.74
O3' SAH E . -11.81 -27.52 9.49
C2' SAH E . -11.10 -26.73 7.34
O2' SAH E . -10.64 -28.06 7.29
C1' SAH E . -12.39 -26.62 6.55
N9 SAH E . -12.21 -26.31 5.12
C8 SAH E . -11.32 -25.45 4.53
N7 SAH E . -11.52 -25.45 3.20
C5 SAH E . -12.54 -26.31 2.92
C6 SAH E . -13.14 -26.69 1.73
N6 SAH E . -12.75 -26.18 0.56
N1 SAH E . -14.18 -27.61 1.76
C2 SAH E . -14.61 -28.13 2.97
N3 SAH E . -14.01 -27.75 4.15
C4 SAH E . -12.98 -26.85 4.12
C1 GOL F . 5.63 -10.80 8.56
O1 GOL F . 5.79 -10.34 7.24
C2 GOL F . 5.56 -12.32 8.56
O2 GOL F . 6.61 -12.85 9.35
C3 GOL F . 4.22 -12.74 9.14
O3 GOL F . 3.68 -13.80 8.38
CL CL G . 1.89 5.97 2.47
PG MGT H . 16.00 14.68 -1.36
O1G MGT H . 16.66 14.61 0.00
O2G MGT H . 16.32 15.94 -2.12
O3G MGT H . 16.14 13.41 -2.17
O3B MGT H . 14.40 14.76 -1.06
PB MGT H . 13.71 15.94 -0.20
O1B MGT H . 14.76 16.70 0.58
O2B MGT H . 12.77 16.70 -1.10
O3A MGT H . 12.77 15.16 0.84
PA MGT H . 13.23 13.95 1.81
O1A MGT H . 14.38 13.15 1.25
O2A MGT H . 13.31 14.43 3.24
O5' MGT H . 11.89 13.06 1.67
C5' MGT H . 11.39 12.60 0.42
C4' MGT H . 10.38 11.50 0.75
O4' MGT H . 10.99 10.60 1.69
C3' MGT H . 9.14 12.04 1.45
O3' MGT H . 8.08 12.40 0.56
C2' MGT H . 8.73 10.88 2.35
O2' MGT H . 8.01 9.91 1.57
C1' MGT H . 10.05 10.25 2.73
N9 MGT H . 10.59 10.60 4.08
C8 MGT H . 11.17 11.94 4.23
N7 MGT H . 11.56 11.80 5.62
CM7 MGT H . 12.22 13.02 6.14
C5 MGT H . 11.28 10.62 6.18
C6 MGT H . 11.48 10.05 7.52
O6 MGT H . 12.03 10.70 8.43
N1 MGT H . 11.03 8.79 7.71
C2 MGT H . 10.45 8.07 6.72
N2 MGT H . 10.03 6.81 6.98
N3 MGT H . 10.23 8.54 5.47
C4 MGT H . 10.62 9.80 5.15
PG MGT I . 13.48 13.69 19.35
O1G MGT I . 12.93 12.58 20.21
O2G MGT I . 12.60 14.07 18.18
O3G MGT I . 14.01 14.87 20.12
O3B MGT I . 14.80 13.05 18.67
PB MGT I . 14.76 11.86 17.57
O1B MGT I . 15.94 10.97 17.80
O2B MGT I . 13.37 11.25 17.55
O3A MGT I . 14.94 12.66 16.18
PA MGT I . 16.34 13.33 15.68
O1A MGT I . 16.01 14.62 14.96
O2A MGT I . 17.33 13.34 16.82
O5' MGT I . 16.85 12.28 14.56
C5' MGT I . 16.73 10.87 14.75
C4' MGT I . 17.82 10.15 13.99
O4' MGT I . 17.74 10.46 12.59
C3' MGT I . 19.21 10.55 14.45
O3' MGT I . 19.75 9.52 15.28
C2' MGT I . 20.03 10.71 13.18
O2' MGT I . 21.02 9.67 13.04
C1' MGT I . 19.04 10.63 12.04
N9 MGT I . 19.12 11.83 11.15
C8 MGT I . 18.19 12.91 11.52
N7 MGT I . 18.60 13.83 10.44
CM7 MGT I . 17.84 15.10 10.47
C5 MGT I . 19.56 13.37 9.64
C6 MGT I . 20.24 13.95 8.47
O6 MGT I . 19.97 15.09 8.04
N1 MGT I . 21.18 13.18 7.89
C2 MGT I . 21.50 11.94 8.35
N2 MGT I . 22.46 11.23 7.70
N3 MGT I . 20.89 11.36 9.43
C4 MGT I . 19.93 12.03 10.11
PG 3PO J . 24.39 23.26 1.65
O1G 3PO J . 25.87 23.61 1.70
O2G 3PO J . 24.04 21.88 2.17
O3G 3PO J . 23.51 24.36 2.18
PB 3PO J . 24.88 22.42 -1.05
O1B 3PO J . 25.04 23.35 -2.22
O2B 3PO J . 26.11 21.80 -0.44
O3B 3PO J . 24.02 23.19 0.08
PA 3PO J . 22.44 21.39 -2.14
O1A 3PO J . 21.74 20.07 -1.87
O2A 3PO J . 21.81 22.55 -1.41
O3A 3PO J . 23.90 21.20 -1.47
O5' 3PO J . 22.71 21.63 -3.59
N SAH K . 18.41 22.98 -10.85
CA SAH K . 18.65 23.84 -9.65
CB SAH K . 17.86 23.31 -8.45
CG SAH K . 16.38 23.66 -8.51
SD SAH K . 15.52 23.01 -7.06
C SAH K . 20.12 23.87 -9.29
O SAH K . 20.92 23.12 -9.85
OXT SAH K . 20.55 24.64 -8.43
C5' SAH K . 13.87 23.53 -7.61
C4' SAH K . 13.61 25.03 -7.45
O4' SAH K . 12.35 25.38 -8.00
C3' SAH K . 13.60 25.48 -6.00
O3' SAH K . 14.60 26.46 -5.86
C2' SAH K . 12.23 26.09 -5.79
O2' SAH K . 12.31 27.29 -5.06
C1' SAH K . 11.77 26.40 -7.20
N9 SAH K . 10.30 26.39 -7.37
C8 SAH K . 9.37 25.59 -6.77
N7 SAH K . 8.14 25.93 -7.23
C5 SAH K . 8.27 26.95 -8.11
C6 SAH K . 7.35 27.69 -8.86
N6 SAH K . 6.05 27.44 -8.80
N1 SAH K . 7.80 28.70 -9.70
C2 SAH K . 9.16 28.97 -9.78
N3 SAH K . 10.05 28.24 -9.02
C4 SAH K . 9.61 27.25 -8.21
C1 GOL L . 8.17 10.32 10.03
O1 GOL L . 8.56 9.25 10.89
C2 GOL L . 6.93 9.90 9.18
O2 GOL L . 5.93 9.38 10.04
C3 GOL L . 7.29 8.83 8.09
O3 GOL L . 6.19 8.65 7.18
#